data_5ME4
#
_entry.id   5ME4
#
_cell.length_a   40.240
_cell.length_b   55.210
_cell.length_c   125.200
_cell.angle_alpha   90.00
_cell.angle_beta   90.00
_cell.angle_gamma   90.00
#
_symmetry.space_group_name_H-M   'P 21 21 21'
#
loop_
_entity.id
_entity.type
_entity.pdbx_description
1 polymer 'Probable phosphite transport system-binding protein HtxB'
2 non-polymer phosphinate
3 water water
#
_entity_poly.entity_id   1
_entity_poly.type   'polypeptide(L)'
_entity_poly.pdbx_seq_one_letter_code
;MAEVVNGKLHLRFAIAPMRPTPSQTIKEFEPIFKYLADQLGATYEIVSPESWAAISVAMTNGHVDVGWLGPWGYVLSNKK
AGTEVLATVKYRGEPFYKALIVGRADLPIKKWPEDAKGLKLSLSDQGNTSGWLIPMAYFKSIGIDPASYFEYREGATFGQ
NESQIQHGLIDLGSDMDRGRNGMIEAGQIDPSKSKIVWESSKLPNDAISVPKDFDPALKARITEILTSLSEEKAQSLMGS
GYNGFVKAKHSDYKVIEDAGRILGKLLEHHHHHH
;
_entity_poly.pdbx_strand_id   A
#
loop_
_chem_comp.id
_chem_comp.type
_chem_comp.name
_chem_comp.formula
HP4 non-polymer phosphinate 'H2 O2 P -1'
#
# COMPACT_ATOMS: atom_id res chain seq x y z
N GLY A 7 27.07 21.82 -8.17
CA GLY A 7 26.14 21.17 -7.21
C GLY A 7 24.73 21.09 -7.75
N LYS A 8 24.40 19.95 -8.38
CA LYS A 8 23.02 19.59 -8.74
C LYS A 8 22.47 18.67 -7.66
N LEU A 9 21.43 19.11 -7.01
CA LEU A 9 20.64 18.26 -6.11
C LEU A 9 20.17 17.01 -6.85
N HIS A 10 20.33 15.85 -6.21
CA HIS A 10 19.91 14.56 -6.76
C HIS A 10 19.08 13.82 -5.70
N LEU A 11 17.93 13.28 -6.11
CA LEU A 11 17.07 12.58 -5.20
C LEU A 11 16.81 11.14 -5.66
N ARG A 12 16.85 10.22 -4.70
CA ARG A 12 16.57 8.80 -4.97
C ARG A 12 15.15 8.54 -4.51
N PHE A 13 14.26 8.22 -5.45
CA PHE A 13 12.87 8.01 -5.13
C PHE A 13 12.51 6.53 -5.20
N ALA A 14 11.48 6.16 -4.45
CA ALA A 14 10.94 4.79 -4.56
C ALA A 14 9.45 4.82 -4.32
N ILE A 15 8.74 3.95 -5.04
CA ILE A 15 7.27 3.89 -4.87
C ILE A 15 6.84 2.45 -4.71
N ALA A 16 5.93 2.22 -3.76
CA ALA A 16 5.40 0.93 -3.47
C ALA A 16 4.54 0.37 -4.63
N PRO A 17 4.09 -0.89 -4.52
CA PRO A 17 3.33 -1.47 -5.66
C PRO A 17 1.89 -0.97 -5.88
N MET A 18 1.73 0.28 -6.34
CA MET A 18 0.39 0.88 -6.53
C MET A 18 -0.37 0.13 -7.63
N ARG A 19 0.36 -0.40 -8.59
CA ARG A 19 -0.22 -1.11 -9.72
C ARG A 19 0.37 -2.54 -9.79
N PRO A 20 -0.22 -3.42 -10.63
CA PRO A 20 0.20 -4.80 -10.57
C PRO A 20 1.66 -5.12 -10.92
N THR A 21 2.33 -4.27 -11.69
CA THR A 21 3.73 -4.47 -11.96
C THR A 21 4.51 -3.19 -11.69
N PRO A 22 5.81 -3.34 -11.44
CA PRO A 22 6.66 -2.15 -11.34
C PRO A 22 6.58 -1.23 -12.55
N SER A 23 6.52 -1.78 -13.76
CA SER A 23 6.53 -0.93 -14.94
C SER A 23 5.25 -0.12 -15.07
N GLN A 24 4.10 -0.72 -14.72
CA GLN A 24 2.84 0.01 -14.70
C GLN A 24 2.86 1.06 -13.59
N THR A 25 3.39 0.71 -12.42
CA THR A 25 3.46 1.65 -11.31
C THR A 25 4.30 2.87 -11.72
N ILE A 26 5.48 2.62 -12.27
CA ILE A 26 6.35 3.74 -12.62
C ILE A 26 5.75 4.58 -13.78
N LYS A 27 5.16 3.94 -14.77
CA LYS A 27 4.56 4.66 -15.87
C LYS A 27 3.48 5.66 -15.36
N GLU A 28 2.64 5.18 -14.46
CA GLU A 28 1.50 5.96 -14.00
C GLU A 28 1.84 6.99 -12.92
N PHE A 29 2.88 6.73 -12.13
CA PHE A 29 3.19 7.52 -10.94
C PHE A 29 4.48 8.31 -11.00
N GLU A 30 5.39 7.96 -11.91
CA GLU A 30 6.58 8.79 -12.09
C GLU A 30 6.31 10.31 -12.26
N PRO A 31 5.24 10.71 -12.99
CA PRO A 31 5.07 12.16 -13.14
C PRO A 31 4.99 12.98 -11.85
N ILE A 32 4.47 12.45 -10.75
CA ILE A 32 4.43 13.26 -9.52
C ILE A 32 5.85 13.41 -8.99
N PHE A 33 6.69 12.40 -9.18
CA PHE A 33 8.09 12.45 -8.76
C PHE A 33 8.91 13.39 -9.62
N LYS A 34 8.64 13.38 -10.91
CA LYS A 34 9.30 14.30 -11.84
C LYS A 34 8.90 15.72 -11.47
N TYR A 35 7.63 15.92 -11.22
CA TYR A 35 7.11 17.24 -10.78
C TYR A 35 7.81 17.73 -9.53
N LEU A 36 7.90 16.87 -8.51
CA LEU A 36 8.61 17.19 -7.30
C LEU A 36 10.05 17.55 -7.58
N ALA A 37 10.76 16.71 -8.32
CA ALA A 37 12.15 17.01 -8.62
C ALA A 37 12.27 18.34 -9.37
N ASP A 38 11.39 18.58 -10.34
CA ASP A 38 11.46 19.84 -11.11
C ASP A 38 11.26 21.07 -10.24
N GLN A 39 10.40 20.98 -9.23
CA GLN A 39 10.15 22.09 -8.30
C GLN A 39 11.40 22.42 -7.51
N LEU A 40 12.27 21.43 -7.31
CA LEU A 40 13.51 21.57 -6.54
C LEU A 40 14.73 21.80 -7.42
N GLY A 41 14.54 21.69 -8.72
CA GLY A 41 15.64 21.78 -9.65
C GLY A 41 16.56 20.57 -9.56
N ALA A 42 16.02 19.42 -9.15
CA ALA A 42 16.81 18.21 -8.88
C ALA A 42 16.81 17.20 -10.04
N THR A 43 17.90 16.43 -10.16
CA THR A 43 17.86 15.19 -10.92
C THR A 43 17.31 14.13 -9.99
N TYR A 44 16.87 13.02 -10.57
CA TYR A 44 16.35 11.97 -9.75
C TYR A 44 16.56 10.60 -10.40
N GLU A 45 16.35 9.59 -9.58
CA GLU A 45 16.20 8.21 -10.02
C GLU A 45 15.04 7.62 -9.26
N ILE A 46 14.46 6.57 -9.81
CA ILE A 46 13.24 6.01 -9.24
C ILE A 46 13.24 4.49 -9.41
N VAL A 47 12.73 3.79 -8.40
CA VAL A 47 12.48 2.35 -8.51
C VAL A 47 11.14 2.04 -7.88
N SER A 48 10.59 0.89 -8.23
CA SER A 48 9.34 0.39 -7.64
C SER A 48 9.52 -1.11 -7.36
N PRO A 49 9.96 -1.44 -6.14
CA PRO A 49 10.15 -2.86 -5.79
C PRO A 49 8.86 -3.66 -5.85
N GLU A 50 8.97 -4.95 -6.12
CA GLU A 50 7.79 -5.78 -6.34
C GLU A 50 6.98 -6.00 -5.09
N SER A 51 7.63 -5.95 -3.92
CA SER A 51 6.94 -6.25 -2.66
C SER A 51 6.89 -5.03 -1.76
N TRP A 52 5.92 -5.04 -0.86
CA TRP A 52 5.75 -3.92 0.08
C TRP A 52 6.85 -3.89 1.14
N ALA A 53 7.30 -5.06 1.60
CA ALA A 53 8.41 -5.14 2.51
C ALA A 53 9.69 -4.57 1.91
N ALA A 54 9.91 -4.83 0.64
CA ALA A 54 11.20 -4.45 0.02
C ALA A 54 11.42 -2.94 0.00
N ILE A 55 10.39 -2.17 -0.28
CA ILE A 55 10.54 -0.70 -0.19
C ILE A 55 10.78 -0.21 1.25
N SER A 56 10.15 -0.85 2.23
CA SER A 56 10.39 -0.55 3.64
C SER A 56 11.86 -0.79 3.97
N VAL A 57 12.37 -1.94 3.53
CA VAL A 57 13.77 -2.29 3.80
C VAL A 57 14.69 -1.28 3.10
N ALA A 58 14.39 -0.96 1.86
CA ALA A 58 15.23 0.01 1.11
C ALA A 58 15.34 1.37 1.82
N MET A 59 14.23 1.86 2.38
CA MET A 59 14.24 3.12 3.15
C MET A 59 15.07 2.96 4.43
N THR A 60 14.82 1.87 5.14
CA THR A 60 15.55 1.58 6.36
C THR A 60 17.05 1.47 6.15
N ASN A 61 17.46 0.91 5.03
CA ASN A 61 18.88 0.65 4.78
C ASN A 61 19.55 1.81 4.03
N GLY A 62 18.88 2.97 3.97
CA GLY A 62 19.52 4.21 3.52
C GLY A 62 19.62 4.38 2.02
N HIS A 63 18.79 3.67 1.25
CA HIS A 63 18.81 3.71 -0.22
C HIS A 63 17.79 4.67 -0.86
N VAL A 64 17.01 5.36 -0.04
CA VAL A 64 15.87 6.15 -0.53
C VAL A 64 15.81 7.53 0.14
N ASP A 65 15.75 8.58 -0.68
CA ASP A 65 15.56 9.93 -0.14
C ASP A 65 14.10 10.23 0.12
N VAL A 66 13.24 9.98 -0.85
CA VAL A 66 11.81 10.17 -0.65
C VAL A 66 11.13 8.91 -1.13
N GLY A 67 10.40 8.27 -0.23
CA GLY A 67 9.74 7.02 -0.55
C GLY A 67 8.26 7.09 -0.29
N TRP A 68 7.50 6.52 -1.20
CA TRP A 68 6.07 6.34 -1.05
C TRP A 68 5.89 4.93 -0.53
N LEU A 69 5.69 4.82 0.79
CA LEU A 69 5.63 3.52 1.46
C LEU A 69 4.20 3.21 1.84
N GLY A 70 3.89 1.91 1.93
CA GLY A 70 2.63 1.49 2.54
C GLY A 70 2.66 1.79 4.03
N PRO A 71 1.51 1.82 4.69
CA PRO A 71 1.46 2.23 6.12
C PRO A 71 2.33 1.39 7.07
N TRP A 72 2.22 0.06 6.98
CA TRP A 72 3.01 -0.85 7.79
C TRP A 72 4.48 -0.78 7.38
N GLY A 73 4.75 -0.62 6.10
CA GLY A 73 6.13 -0.40 5.65
C GLY A 73 6.76 0.81 6.34
N TYR A 74 5.99 1.89 6.43
CA TYR A 74 6.44 3.14 7.07
C TYR A 74 6.64 2.85 8.58
N VAL A 75 5.63 2.23 9.20
CA VAL A 75 5.70 1.97 10.65
C VAL A 75 6.93 1.17 11.00
N LEU A 76 7.20 0.12 10.24
CA LEU A 76 8.37 -0.73 10.44
C LEU A 76 9.67 0.05 10.27
N SER A 77 9.73 0.88 9.24
CA SER A 77 10.93 1.66 8.96
C SER A 77 11.17 2.76 10.00
N ASN A 78 10.10 3.37 10.46
CA ASN A 78 10.16 4.37 11.54
C ASN A 78 10.71 3.68 12.82
N LYS A 79 10.20 2.48 13.12
CA LYS A 79 10.67 1.71 14.30
C LYS A 79 12.17 1.37 14.22
N LYS A 80 12.59 0.87 13.07
CA LYS A 80 13.95 0.35 12.89
C LYS A 80 14.96 1.45 12.64
N ALA A 81 14.58 2.51 11.94
CA ALA A 81 15.54 3.54 11.48
C ALA A 81 15.19 5.02 11.69
N GLY A 82 14.04 5.31 12.27
CA GLY A 82 13.60 6.67 12.55
C GLY A 82 13.05 7.39 11.33
N THR A 83 12.72 6.62 10.29
CA THR A 83 12.07 7.18 9.09
C THR A 83 10.91 8.05 9.48
N GLU A 84 10.78 9.18 8.81
CA GLU A 84 9.78 10.20 9.13
C GLU A 84 8.72 10.25 8.02
N VAL A 85 7.45 10.31 8.40
CA VAL A 85 6.37 10.54 7.43
C VAL A 85 6.13 12.05 7.30
N LEU A 86 6.11 12.54 6.06
CA LEU A 86 5.81 13.95 5.81
C LEU A 86 4.37 14.19 5.42
N ALA A 87 3.78 13.23 4.68
CA ALA A 87 2.43 13.44 4.19
C ALA A 87 1.79 12.07 3.93
N THR A 88 0.47 12.07 3.93
CA THR A 88 -0.32 10.91 3.55
C THR A 88 -0.98 11.16 2.20
N VAL A 89 -0.95 10.13 1.36
CA VAL A 89 -1.58 10.24 0.05
CA VAL A 89 -1.58 10.11 0.05
C VAL A 89 -3.10 10.19 0.13
N LYS A 90 -3.74 10.96 -0.75
CA LYS A 90 -5.18 10.97 -0.88
C LYS A 90 -5.62 10.08 -2.02
N TYR A 91 -6.64 9.29 -1.76
CA TYR A 91 -7.32 8.54 -2.80
C TYR A 91 -8.78 8.94 -2.77
N ARG A 92 -9.29 9.38 -3.92
CA ARG A 92 -10.63 9.93 -4.03
C ARG A 92 -10.85 11.01 -2.96
N GLY A 93 -9.81 11.83 -2.74
CA GLY A 93 -9.89 12.99 -1.88
C GLY A 93 -9.71 12.72 -0.39
N GLU A 94 -9.46 11.47 0.00
CA GLU A 94 -9.36 11.08 1.41
C GLU A 94 -8.05 10.37 1.72
N PRO A 95 -7.46 10.63 2.90
CA PRO A 95 -6.22 9.96 3.28
C PRO A 95 -6.43 8.60 3.96
N PHE A 96 -7.38 7.82 3.42
CA PHE A 96 -7.74 6.51 3.95
CA PHE A 96 -7.65 6.49 3.93
C PHE A 96 -8.02 5.52 2.82
N TYR A 97 -8.05 4.25 3.19
CA TYR A 97 -8.45 3.16 2.31
C TYR A 97 -8.86 1.95 3.14
N LYS A 98 -9.27 0.89 2.47
CA LYS A 98 -9.69 -0.35 3.11
C LYS A 98 -8.99 -1.58 2.55
N ALA A 99 -8.72 -2.53 3.45
CA ALA A 99 -8.25 -3.88 3.09
C ALA A 99 -9.44 -4.74 2.72
N LEU A 100 -9.21 -5.67 1.79
CA LEU A 100 -10.19 -6.60 1.32
C LEU A 100 -9.70 -8.05 1.39
N ILE A 101 -10.63 -8.94 1.66
CA ILE A 101 -10.44 -10.35 1.28
C ILE A 101 -11.44 -10.59 0.16
N VAL A 102 -10.92 -10.96 -1.00
CA VAL A 102 -11.70 -11.19 -2.20
C VAL A 102 -11.84 -12.70 -2.39
N GLY A 103 -12.99 -13.15 -2.88
CA GLY A 103 -13.19 -14.59 -3.15
C GLY A 103 -13.72 -14.80 -4.56
N ARG A 104 -13.58 -16.01 -5.04
CA ARG A 104 -14.27 -16.42 -6.27
C ARG A 104 -15.76 -16.12 -6.16
N ALA A 105 -16.38 -15.70 -7.27
CA ALA A 105 -17.78 -15.29 -7.27
C ALA A 105 -18.75 -16.35 -6.79
N ASP A 106 -18.44 -17.60 -7.10
CA ASP A 106 -19.31 -18.73 -6.74
C ASP A 106 -19.00 -19.33 -5.38
N LEU A 107 -18.06 -18.75 -4.62
CA LEU A 107 -17.65 -19.35 -3.35
C LEU A 107 -18.77 -19.19 -2.31
N PRO A 108 -19.21 -20.30 -1.67
CA PRO A 108 -20.21 -20.12 -0.60
C PRO A 108 -19.58 -19.40 0.61
N ILE A 109 -20.20 -18.29 1.04
CA ILE A 109 -19.67 -17.45 2.13
C ILE A 109 -20.73 -17.00 3.17
N LYS A 110 -21.86 -17.69 3.24
CA LYS A 110 -22.93 -17.25 4.14
C LYS A 110 -22.51 -17.35 5.60
N LYS A 111 -21.57 -18.24 5.90
CA LYS A 111 -21.10 -18.41 7.27
C LYS A 111 -19.61 -18.11 7.37
N TRP A 112 -19.14 -17.19 6.52
CA TRP A 112 -17.73 -16.75 6.54
C TRP A 112 -17.21 -16.26 7.90
N PRO A 113 -16.02 -16.67 8.36
CA PRO A 113 -15.10 -17.63 7.76
C PRO A 113 -15.21 -19.03 8.35
N GLU A 114 -16.31 -19.31 9.06
CA GLU A 114 -16.50 -20.55 9.79
C GLU A 114 -16.79 -21.74 8.85
N ASP A 115 -17.21 -21.43 7.62
CA ASP A 115 -17.42 -22.39 6.53
C ASP A 115 -16.25 -22.45 5.53
N ALA A 116 -15.11 -21.85 5.88
CA ALA A 116 -14.02 -21.67 4.91
C ALA A 116 -12.80 -22.54 5.23
N LYS A 117 -12.89 -23.44 6.21
CA LYS A 117 -11.75 -24.23 6.60
C LYS A 117 -11.26 -25.08 5.42
N GLY A 118 -9.95 -25.10 5.18
CA GLY A 118 -9.35 -25.88 4.11
C GLY A 118 -9.36 -25.19 2.76
N LEU A 119 -9.99 -24.01 2.63
CA LEU A 119 -9.98 -23.31 1.36
C LEU A 119 -8.60 -22.70 1.14
N LYS A 120 -8.31 -22.42 -0.13
CA LYS A 120 -7.01 -21.88 -0.53
C LYS A 120 -7.05 -20.35 -0.35
N LEU A 121 -6.26 -19.85 0.56
CA LEU A 121 -6.16 -18.41 0.87
C LEU A 121 -4.75 -17.96 0.60
N SER A 122 -4.60 -16.82 -0.12
CA SER A 122 -3.32 -16.24 -0.44
C SER A 122 -3.24 -14.82 0.15
N LEU A 123 -2.31 -14.62 1.08
CA LEU A 123 -1.98 -13.31 1.63
C LEU A 123 -0.69 -12.84 0.99
N SER A 124 -0.41 -11.57 1.18
CA SER A 124 0.72 -10.92 0.52
C SER A 124 1.94 -11.03 1.39
N ASP A 125 2.98 -10.27 1.05
CA ASP A 125 4.21 -10.26 1.83
C ASP A 125 3.98 -9.63 3.22
N GLN A 126 4.86 -9.95 4.18
CA GLN A 126 4.68 -9.49 5.53
C GLN A 126 4.89 -7.98 5.74
N GLY A 127 5.33 -7.26 4.70
CA GLY A 127 5.39 -5.82 4.76
C GLY A 127 4.13 -5.12 4.28
N ASN A 128 3.13 -5.90 3.88
CA ASN A 128 1.94 -5.37 3.23
C ASN A 128 0.83 -5.15 4.29
N THR A 129 0.40 -3.91 4.43
CA THR A 129 -0.58 -3.53 5.44
C THR A 129 -1.91 -4.25 5.21
N SER A 130 -2.51 -3.98 4.07
CA SER A 130 -3.82 -4.51 3.77
C SER A 130 -3.73 -5.95 3.32
N GLY A 131 -2.57 -6.33 2.79
CA GLY A 131 -2.41 -7.67 2.20
C GLY A 131 -2.03 -8.76 3.16
N TRP A 132 -1.46 -8.36 4.31
CA TRP A 132 -0.98 -9.30 5.31
C TRP A 132 -1.35 -8.86 6.74
N LEU A 133 -0.85 -7.71 7.17
CA LEU A 133 -1.03 -7.30 8.57
C LEU A 133 -2.47 -7.27 9.06
N ILE A 134 -3.32 -6.55 8.32
CA ILE A 134 -4.70 -6.35 8.70
C ILE A 134 -5.54 -7.63 8.63
N PRO A 135 -5.45 -8.40 7.53
CA PRO A 135 -6.15 -9.68 7.52
C PRO A 135 -5.64 -10.65 8.64
N MET A 136 -4.34 -10.70 8.89
N MET A 136 -4.34 -10.67 8.89
CA MET A 136 -3.85 -11.53 10.01
CA MET A 136 -3.80 -11.49 9.97
C MET A 136 -4.46 -11.08 11.32
C MET A 136 -4.36 -11.08 11.34
N ALA A 137 -4.51 -9.77 11.54
CA ALA A 137 -5.11 -9.20 12.76
C ALA A 137 -6.59 -9.57 12.89
N TYR A 138 -7.31 -9.56 11.79
CA TYR A 138 -8.71 -9.99 11.76
C TYR A 138 -8.81 -11.46 12.21
N PHE A 139 -8.05 -12.33 11.57
CA PHE A 139 -8.16 -13.76 11.88
C PHE A 139 -7.77 -14.02 13.32
N LYS A 140 -6.72 -13.37 13.79
CA LYS A 140 -6.27 -13.55 15.19
CA LYS A 140 -6.27 -13.56 15.17
C LYS A 140 -7.36 -13.08 16.17
N SER A 141 -8.07 -12.00 15.85
CA SER A 141 -9.15 -11.47 16.72
C SER A 141 -10.30 -12.45 16.91
N ILE A 142 -10.49 -13.36 15.96
CA ILE A 142 -11.51 -14.40 16.06
C ILE A 142 -10.92 -15.80 16.30
N GLY A 143 -9.66 -15.86 16.72
CA GLY A 143 -9.03 -17.12 17.08
C GLY A 143 -8.78 -18.09 15.97
N ILE A 144 -8.53 -17.58 14.75
CA ILE A 144 -8.19 -18.38 13.61
C ILE A 144 -6.72 -18.16 13.29
N ASP A 145 -6.01 -19.28 13.15
CA ASP A 145 -4.61 -19.29 12.70
C ASP A 145 -4.63 -19.62 11.20
N PRO A 146 -4.45 -18.62 10.33
CA PRO A 146 -4.63 -18.89 8.91
C PRO A 146 -3.78 -20.05 8.33
N ALA A 147 -2.54 -20.16 8.76
CA ALA A 147 -1.61 -21.18 8.23
C ALA A 147 -2.10 -22.62 8.42
N SER A 148 -2.76 -22.87 9.54
CA SER A 148 -3.31 -24.20 9.84
C SER A 148 -4.77 -24.32 9.40
N TYR A 149 -5.50 -23.21 9.36
CA TYR A 149 -6.91 -23.24 9.02
C TYR A 149 -7.23 -23.34 7.54
N PHE A 150 -6.46 -22.63 6.72
CA PHE A 150 -6.61 -22.63 5.28
C PHE A 150 -5.50 -23.46 4.66
N GLU A 151 -5.68 -23.83 3.39
CA GLU A 151 -4.56 -24.18 2.53
C GLU A 151 -3.89 -22.83 2.20
N TYR A 152 -2.83 -22.51 2.94
CA TYR A 152 -2.36 -21.12 3.08
C TYR A 152 -1.08 -20.84 2.27
N ARG A 153 -1.06 -19.69 1.58
CA ARG A 153 0.11 -19.17 0.90
C ARG A 153 0.30 -17.72 1.34
N GLU A 154 1.56 -17.34 1.49
CA GLU A 154 1.96 -15.99 1.86
C GLU A 154 2.95 -15.51 0.80
N GLY A 155 2.98 -14.21 0.57
CA GLY A 155 4.00 -13.59 -0.27
C GLY A 155 3.54 -13.18 -1.64
N ALA A 156 2.31 -13.49 -2.02
CA ALA A 156 1.77 -13.06 -3.32
C ALA A 156 1.62 -11.55 -3.44
N THR A 157 1.75 -11.05 -4.65
CA THR A 157 1.40 -9.67 -4.94
C THR A 157 -0.11 -9.56 -5.09
N PHE A 158 -0.64 -8.36 -4.97
CA PHE A 158 -2.05 -8.16 -5.23
C PHE A 158 -2.44 -8.52 -6.65
N GLY A 159 -1.58 -8.21 -7.60
CA GLY A 159 -1.84 -8.61 -9.00
C GLY A 159 -2.02 -10.12 -9.15
N GLN A 160 -1.15 -10.87 -8.49
CA GLN A 160 -1.17 -12.35 -8.53
C GLN A 160 -2.44 -12.86 -7.85
N ASN A 161 -2.79 -12.28 -6.70
CA ASN A 161 -4.02 -12.69 -6.00
C ASN A 161 -5.23 -12.52 -6.87
N GLU A 162 -5.39 -11.34 -7.49
CA GLU A 162 -6.58 -11.09 -8.30
C GLU A 162 -6.61 -11.95 -9.53
N SER A 163 -5.46 -12.11 -10.17
CA SER A 163 -5.39 -13.01 -11.32
C SER A 163 -5.75 -14.47 -10.96
N GLN A 164 -5.20 -14.97 -9.85
CA GLN A 164 -5.45 -16.35 -9.43
C GLN A 164 -6.90 -16.56 -9.06
N ILE A 165 -7.54 -15.57 -8.44
CA ILE A 165 -8.94 -15.71 -8.07
C ILE A 165 -9.76 -15.80 -9.35
N GLN A 166 -9.49 -14.90 -10.29
CA GLN A 166 -10.28 -14.83 -11.52
C GLN A 166 -10.14 -16.10 -12.38
N HIS A 167 -8.97 -16.71 -12.33
CA HIS A 167 -8.70 -17.97 -13.04
C HIS A 167 -8.99 -19.23 -12.21
N GLY A 168 -9.65 -19.07 -11.06
CA GLY A 168 -10.01 -20.18 -10.18
C GLY A 168 -8.89 -21.01 -9.57
N LEU A 169 -7.69 -20.42 -9.41
CA LEU A 169 -6.54 -21.13 -8.86
C LEU A 169 -6.47 -21.06 -7.34
N ILE A 170 -7.05 -20.00 -6.76
CA ILE A 170 -7.22 -19.90 -5.30
C ILE A 170 -8.69 -19.56 -5.02
N ASP A 171 -9.13 -19.76 -3.78
CA ASP A 171 -10.49 -19.41 -3.38
C ASP A 171 -10.61 -17.96 -2.88
N LEU A 172 -9.59 -17.52 -2.15
CA LEU A 172 -9.57 -16.26 -1.41
C LEU A 172 -8.22 -15.60 -1.51
N GLY A 173 -8.21 -14.27 -1.58
CA GLY A 173 -6.96 -13.55 -1.55
C GLY A 173 -7.15 -12.15 -1.07
N SER A 174 -6.12 -11.58 -0.47
CA SER A 174 -6.17 -10.20 -0.02
C SER A 174 -5.95 -9.21 -1.20
N ASP A 175 -6.52 -8.03 -1.01
CA ASP A 175 -6.32 -6.88 -1.94
C ASP A 175 -6.63 -5.63 -1.13
N MET A 176 -6.44 -4.51 -1.76
CA MET A 176 -6.82 -3.22 -1.20
C MET A 176 -7.82 -2.59 -2.13
N ASP A 177 -8.81 -1.87 -1.58
CA ASP A 177 -9.89 -1.33 -2.42
C ASP A 177 -9.42 -0.43 -3.55
N ARG A 178 -8.49 0.46 -3.24
CA ARG A 178 -7.94 1.33 -4.26
C ARG A 178 -7.22 0.60 -5.40
N GLY A 179 -6.58 -0.53 -5.10
CA GLY A 179 -5.90 -1.31 -6.12
C GLY A 179 -6.89 -2.10 -6.94
N ARG A 180 -7.86 -2.74 -6.28
CA ARG A 180 -8.91 -3.46 -7.03
C ARG A 180 -9.64 -2.51 -7.97
N ASN A 181 -9.98 -1.30 -7.51
CA ASN A 181 -10.68 -0.31 -8.36
C ASN A 181 -9.87 -0.02 -9.61
N GLY A 182 -8.58 0.18 -9.44
CA GLY A 182 -7.71 0.50 -10.54
C GLY A 182 -7.61 -0.64 -11.53
N MET A 183 -7.51 -1.87 -11.02
CA MET A 183 -7.51 -3.06 -11.87
C MET A 183 -8.81 -3.22 -12.68
N ILE A 184 -9.96 -2.98 -12.06
CA ILE A 184 -11.23 -3.02 -12.78
C ILE A 184 -11.25 -1.94 -13.86
N GLU A 185 -10.84 -0.74 -13.47
CA GLU A 185 -10.86 0.39 -14.38
C GLU A 185 -9.92 0.19 -15.56
N ALA A 186 -8.79 -0.48 -15.35
CA ALA A 186 -7.83 -0.80 -16.41
C ALA A 186 -8.23 -2.02 -17.28
N GLY A 187 -9.36 -2.67 -16.97
CA GLY A 187 -9.75 -3.91 -17.63
C GLY A 187 -8.91 -5.12 -17.31
N GLN A 188 -8.19 -5.10 -16.18
CA GLN A 188 -7.33 -6.19 -15.77
C GLN A 188 -8.06 -7.28 -14.98
N ILE A 189 -9.17 -6.89 -14.36
CA ILE A 189 -10.07 -7.76 -13.57
C ILE A 189 -11.44 -7.68 -14.26
N ASP A 190 -12.10 -8.82 -14.36
CA ASP A 190 -13.52 -8.90 -14.70
C ASP A 190 -14.25 -9.08 -13.35
N PRO A 191 -14.92 -8.02 -12.87
CA PRO A 191 -15.42 -8.06 -11.49
C PRO A 191 -16.56 -9.05 -11.28
N SER A 192 -17.22 -9.47 -12.36
CA SER A 192 -18.20 -10.54 -12.26
C SER A 192 -17.62 -11.90 -11.80
N LYS A 193 -16.30 -12.11 -11.90
CA LYS A 193 -15.66 -13.36 -11.52
C LYS A 193 -15.20 -13.41 -10.05
N SER A 194 -15.39 -12.32 -9.31
CA SER A 194 -14.95 -12.28 -7.91
C SER A 194 -15.90 -11.40 -7.09
N LYS A 195 -15.77 -11.46 -5.77
CA LYS A 195 -16.58 -10.65 -4.89
C LYS A 195 -15.82 -10.35 -3.61
N ILE A 196 -16.23 -9.28 -2.93
CA ILE A 196 -15.66 -8.92 -1.67
C ILE A 196 -16.27 -9.81 -0.60
N VAL A 197 -15.43 -10.52 0.12
CA VAL A 197 -15.88 -11.41 1.22
C VAL A 197 -15.77 -10.67 2.56
N TRP A 198 -14.73 -9.85 2.73
CA TRP A 198 -14.53 -9.08 3.92
C TRP A 198 -13.88 -7.75 3.57
N GLU A 199 -14.25 -6.72 4.31
CA GLU A 199 -13.64 -5.39 4.13
C GLU A 199 -13.31 -4.87 5.50
N SER A 200 -12.12 -4.33 5.65
CA SER A 200 -11.69 -3.73 6.90
C SER A 200 -12.37 -2.37 7.18
N SER A 201 -12.18 -1.88 8.39
CA SER A 201 -12.47 -0.47 8.63
C SER A 201 -11.35 0.38 8.00
N LYS A 202 -11.54 1.69 8.02
CA LYS A 202 -10.63 2.60 7.33
C LYS A 202 -9.24 2.51 7.91
N LEU A 203 -8.25 2.60 7.02
CA LEU A 203 -6.85 2.56 7.36
C LEU A 203 -6.26 3.85 6.82
N PRO A 204 -5.27 4.41 7.52
CA PRO A 204 -4.58 5.56 6.91
C PRO A 204 -3.86 5.10 5.64
N ASN A 205 -3.85 5.99 4.66
CA ASN A 205 -3.22 5.74 3.40
C ASN A 205 -1.69 5.81 3.45
N ASP A 206 -1.06 5.56 2.30
CA ASP A 206 0.39 5.49 2.17
C ASP A 206 1.10 6.75 2.68
N ALA A 207 2.32 6.53 3.14
CA ALA A 207 3.14 7.51 3.80
C ALA A 207 4.25 7.97 2.86
N ILE A 208 4.27 9.26 2.54
CA ILE A 208 5.40 9.84 1.83
C ILE A 208 6.45 10.09 2.92
N SER A 209 7.59 9.42 2.79
CA SER A 209 8.53 9.26 3.90
C SER A 209 9.93 9.65 3.50
N VAL A 210 10.70 10.07 4.49
CA VAL A 210 12.11 10.41 4.30
C VAL A 210 12.95 9.86 5.46
N PRO A 211 14.26 9.72 5.26
CA PRO A 211 15.09 9.20 6.35
C PRO A 211 15.15 10.17 7.52
N LYS A 212 15.54 9.65 8.68
CA LYS A 212 15.56 10.41 9.95
C LYS A 212 16.33 11.73 9.84
N ASP A 213 17.49 11.66 9.20
CA ASP A 213 18.40 12.83 9.14
C ASP A 213 18.26 13.64 7.85
N PHE A 214 17.10 13.54 7.18
CA PHE A 214 16.88 14.30 5.95
C PHE A 214 16.93 15.81 6.21
N ASP A 215 17.61 16.54 5.32
CA ASP A 215 17.68 18.01 5.40
C ASP A 215 16.34 18.67 5.76
N PRO A 216 16.24 19.34 6.94
CA PRO A 216 15.00 20.02 7.37
C PRO A 216 14.37 20.98 6.36
N ALA A 217 15.20 21.78 5.70
CA ALA A 217 14.70 22.73 4.71
C ALA A 217 14.00 22.01 3.55
N LEU A 218 14.63 20.95 3.03
CA LEU A 218 14.03 20.12 1.98
C LEU A 218 12.78 19.43 2.46
N LYS A 219 12.80 18.90 3.69
CA LYS A 219 11.60 18.29 4.27
C LYS A 219 10.41 19.21 4.18
N ALA A 220 10.62 20.45 4.64
CA ALA A 220 9.60 21.45 4.64
C ALA A 220 9.13 21.79 3.24
N ARG A 221 10.07 21.94 2.30
CA ARG A 221 9.76 22.27 0.92
CA ARG A 221 9.74 22.28 0.91
C ARG A 221 8.93 21.16 0.25
N ILE A 222 9.38 19.93 0.41
CA ILE A 222 8.69 18.75 -0.15
C ILE A 222 7.25 18.68 0.36
N THR A 223 7.08 18.78 1.67
CA THR A 223 5.72 18.81 2.25
C THR A 223 4.83 19.88 1.64
N GLU A 224 5.34 21.11 1.54
CA GLU A 224 4.58 22.20 0.94
C GLU A 224 4.27 21.93 -0.55
N ILE A 225 5.24 21.45 -1.31
CA ILE A 225 5.00 21.17 -2.73
C ILE A 225 3.88 20.16 -2.93
N LEU A 226 3.94 19.08 -2.18
CA LEU A 226 2.94 18.01 -2.34
C LEU A 226 1.57 18.38 -1.78
N THR A 227 1.53 19.02 -0.60
CA THR A 227 0.25 19.29 0.04
C THR A 227 -0.48 20.49 -0.54
N SER A 228 0.23 21.33 -1.30
CA SER A 228 -0.41 22.49 -1.94
C SER A 228 -1.04 22.18 -3.28
N LEU A 229 -0.78 20.97 -3.82
CA LEU A 229 -1.33 20.57 -5.13
C LEU A 229 -2.82 20.54 -5.10
N SER A 230 -3.44 21.05 -6.14
CA SER A 230 -4.89 20.90 -6.28
C SER A 230 -5.19 19.44 -6.61
N GLU A 231 -6.43 19.03 -6.41
CA GLU A 231 -6.83 17.67 -6.75
C GLU A 231 -6.67 17.40 -8.23
N GLU A 232 -7.04 18.39 -9.03
CA GLU A 232 -6.92 18.24 -10.47
C GLU A 232 -5.47 18.07 -10.92
N LYS A 233 -4.57 18.89 -10.39
CA LYS A 233 -3.17 18.78 -10.79
C LYS A 233 -2.55 17.47 -10.28
N ALA A 234 -2.83 17.11 -9.03
CA ALA A 234 -2.32 15.85 -8.46
C ALA A 234 -2.79 14.66 -9.29
N GLN A 235 -4.08 14.60 -9.61
CA GLN A 235 -4.61 13.53 -10.43
C GLN A 235 -3.95 13.47 -11.80
N SER A 236 -3.60 14.62 -12.37
CA SER A 236 -2.97 14.62 -13.70
C SER A 236 -1.59 13.98 -13.68
N LEU A 237 -0.98 13.87 -12.49
CA LEU A 237 0.36 13.30 -12.31
C LEU A 237 0.44 11.87 -11.76
N MET A 238 -0.72 11.22 -11.49
CA MET A 238 -0.75 9.95 -10.80
C MET A 238 -1.81 9.06 -11.37
N GLY A 239 -1.78 7.81 -10.94
CA GLY A 239 -2.76 6.82 -11.34
C GLY A 239 -4.17 7.26 -10.95
N SER A 240 -5.14 6.76 -11.69
CA SER A 240 -6.53 7.12 -11.46
C SER A 240 -6.93 6.93 -10.01
N GLY A 241 -7.49 7.98 -9.42
CA GLY A 241 -7.97 7.95 -8.04
C GLY A 241 -7.08 8.67 -7.08
N TYR A 242 -5.78 8.69 -7.38
CA TYR A 242 -4.81 9.33 -6.51
C TYR A 242 -4.73 10.81 -6.83
N ASN A 243 -5.14 11.62 -5.86
CA ASN A 243 -5.41 13.03 -6.13
C ASN A 243 -4.99 14.03 -5.08
N GLY A 244 -3.95 13.70 -4.34
CA GLY A 244 -3.27 14.68 -3.53
C GLY A 244 -2.60 14.10 -2.33
N PHE A 245 -2.23 14.99 -1.42
CA PHE A 245 -1.48 14.64 -0.24
C PHE A 245 -1.91 15.57 0.89
N VAL A 246 -1.91 15.04 2.10
CA VAL A 246 -2.19 15.86 3.31
C VAL A 246 -1.03 15.75 4.27
N LYS A 247 -0.73 16.84 5.00
CA LYS A 247 0.31 16.78 5.99
C LYS A 247 0.01 15.69 7.02
N ALA A 248 1.03 14.97 7.44
CA ALA A 248 0.87 13.88 8.36
C ALA A 248 2.01 13.77 9.35
N LYS A 249 1.68 13.10 10.45
CA LYS A 249 2.67 12.80 11.47
C LYS A 249 2.51 11.36 11.91
N HIS A 250 3.50 10.92 12.68
CA HIS A 250 3.54 9.55 13.12
C HIS A 250 2.24 9.05 13.75
N SER A 251 1.63 9.86 14.61
CA SER A 251 0.43 9.43 15.34
C SER A 251 -0.77 9.16 14.41
N ASP A 252 -0.75 9.72 13.20
CA ASP A 252 -1.75 9.34 12.17
C ASP A 252 -1.74 7.84 11.80
N TYR A 253 -0.66 7.14 12.14
CA TYR A 253 -0.50 5.72 11.84
C TYR A 253 -0.70 4.80 13.06
N LYS A 254 -1.30 5.36 14.11
CA LYS A 254 -1.49 4.62 15.39
C LYS A 254 -2.24 3.30 15.23
N VAL A 255 -3.29 3.29 14.40
CA VAL A 255 -4.05 2.05 14.20
C VAL A 255 -3.20 0.92 13.62
N ILE A 256 -2.21 1.27 12.78
CA ILE A 256 -1.35 0.29 12.16
C ILE A 256 -0.29 -0.19 13.17
N GLU A 257 0.33 0.76 13.85
CA GLU A 257 1.30 0.44 14.90
C GLU A 257 0.68 -0.50 15.96
N ASP A 258 -0.57 -0.24 16.33
CA ASP A 258 -1.29 -1.09 17.32
C ASP A 258 -1.52 -2.49 16.80
N ALA A 259 -1.95 -2.63 15.54
CA ALA A 259 -2.09 -3.95 14.92
C ALA A 259 -0.79 -4.74 14.89
N GLY A 260 0.32 -4.07 14.58
CA GLY A 260 1.61 -4.73 14.52
C GLY A 260 2.07 -5.21 15.90
N ARG A 261 1.77 -4.44 16.94
CA ARG A 261 2.11 -4.83 18.33
C ARG A 261 1.35 -6.08 18.72
N ILE A 262 0.02 -6.05 18.53
CA ILE A 262 -0.85 -7.20 18.81
C ILE A 262 -0.37 -8.50 18.15
N LEU A 263 0.15 -8.42 16.94
CA LEU A 263 0.67 -9.61 16.26
C LEU A 263 2.11 -10.01 16.67
N GLY A 264 2.75 -9.26 17.57
CA GLY A 264 4.11 -9.54 18.00
C GLY A 264 5.10 -8.98 16.98
P1 HP4 B . -0.40 -1.57 1.68
O1 HP4 B . 0.68 -1.65 2.72
O2 HP4 B . -1.78 -1.94 2.18
H4 HP4 B . -0.44 -0.27 1.20
H3 HP4 B . -0.07 -2.41 0.63
P1 HP4 C . 23.00 3.95 -2.68
O1 HP4 C . 22.47 3.86 -1.26
O2 HP4 C . 21.96 4.65 -3.54
H4 HP4 C . 24.18 4.68 -2.70
H3 HP4 C . 23.24 2.69 -3.17
#